data_3G3P
#
_entry.id   3G3P
#
_cell.length_a   33.665
_cell.length_b   54.049
_cell.length_c   44.615
_cell.angle_alpha   90.00
_cell.angle_beta   110.44
_cell.angle_gamma   90.00
#
_symmetry.space_group_name_H-M   'P 1 21 1'
#
loop_
_entity.id
_entity.type
_entity.pdbx_description
1 polymer 'ATP-dependent Clp protease adapter protein clpS'
2 polymer 'Peptide (NLE)LFVQRDSKE'
3 non-polymer 'MAGNESIUM ION'
4 water water
#
loop_
_entity_poly.entity_id
_entity_poly.type
_entity_poly.pdbx_seq_one_letter_code
_entity_poly.pdbx_strand_id
1 'polypeptide(L)'
;TQKPSLYRVLILNDDYTPAEFVVYVLERFFNKSREDATRIMLHVHQNGVGVCGVYTYEVAETKVAQVIDSARRHQHPLQC
TMEKD
;
A,B
2 'polypeptide(L)' (NLE)LFVQRDSKE D
#
loop_
_chem_comp.id
_chem_comp.type
_chem_comp.name
_chem_comp.formula
MG non-polymer 'MAGNESIUM ION' 'Mg 2'
#
# COMPACT_ATOMS: atom_id res chain seq x y z
N PRO A 4 -17.99 12.64 -3.47
CA PRO A 4 -16.52 12.67 -3.40
C PRO A 4 -16.01 12.30 -2.01
N SER A 5 -14.99 11.45 -1.97
CA SER A 5 -14.45 10.98 -0.70
C SER A 5 -13.31 11.87 -0.24
N LEU A 6 -12.94 11.68 1.03
CA LEU A 6 -11.64 12.13 1.51
C LEU A 6 -10.64 11.10 1.02
N TYR A 7 -9.35 11.42 1.15
CA TYR A 7 -8.30 10.60 0.58
C TYR A 7 -7.19 10.39 1.60
N ARG A 8 -6.76 9.14 1.73
CA ARG A 8 -5.67 8.80 2.63
C ARG A 8 -4.35 8.88 1.87
N VAL A 9 -3.34 9.44 2.54
CA VAL A 9 -2.00 9.53 1.99
C VAL A 9 -1.19 8.38 2.57
N LEU A 10 -0.50 7.66 1.69
CA LEU A 10 0.25 6.48 2.07
C LEU A 10 1.73 6.64 1.77
N ILE A 11 2.57 6.07 2.63
CA ILE A 11 3.98 5.92 2.33
C ILE A 11 4.27 4.43 2.19
N LEU A 12 5.04 4.09 1.16
CA LEU A 12 5.38 2.69 0.88
C LEU A 12 6.80 2.41 1.34
N ASN A 13 7.04 1.15 1.70
CA ASN A 13 8.37 0.72 2.13
C ASN A 13 9.31 0.62 0.93
N ASP A 14 10.59 0.82 1.20
CA ASP A 14 11.65 0.54 0.23
C ASP A 14 12.93 0.22 1.01
N ASP A 15 13.95 -0.28 0.32
CA ASP A 15 15.15 -0.77 0.99
C ASP A 15 16.26 0.28 1.12
N TYR A 16 15.91 1.53 0.88
CA TYR A 16 16.92 2.60 0.80
C TYR A 16 16.70 3.75 1.78
N THR A 17 15.45 4.15 1.95
CA THR A 17 15.12 5.33 2.74
C THR A 17 15.36 5.04 4.23
N PRO A 18 16.17 5.88 4.89
CA PRO A 18 16.39 5.67 6.33
C PRO A 18 15.11 5.81 7.14
N ALA A 19 14.99 4.95 8.16
CA ALA A 19 13.86 5.03 9.08
C ALA A 19 13.70 6.44 9.63
N GLU A 20 14.82 7.08 9.93
CA GLU A 20 14.82 8.41 10.53
C GLU A 20 14.21 9.45 9.61
N PHE A 21 14.35 9.24 8.30
CA PHE A 21 13.78 10.18 7.35
C PHE A 21 12.27 9.99 7.24
N VAL A 22 11.81 8.75 7.31
CA VAL A 22 10.38 8.49 7.32
C VAL A 22 9.74 9.13 8.55
N VAL A 23 10.39 8.98 9.70
CA VAL A 23 9.92 9.62 10.93
C VAL A 23 9.88 11.13 10.75
N TYR A 24 10.91 11.70 10.14
CA TYR A 24 10.98 13.14 9.89
C TYR A 24 9.79 13.60 9.03
N VAL A 25 9.55 12.87 7.95
CA VAL A 25 8.46 13.21 7.04
C VAL A 25 7.12 13.19 7.76
N LEU A 26 6.91 12.19 8.62
CA LEU A 26 5.64 12.05 9.31
C LEU A 26 5.45 13.19 10.32
N GLU A 27 6.52 13.54 11.02
CA GLU A 27 6.48 14.65 11.96
C GLU A 27 6.23 15.98 11.25
N ARG A 28 6.95 16.23 10.17
CA ARG A 28 6.91 17.54 9.53
C ARG A 28 5.66 17.75 8.67
N PHE A 29 5.37 16.80 7.80
CA PHE A 29 4.31 16.98 6.81
C PHE A 29 2.96 16.44 7.26
N PHE A 30 2.93 15.64 8.31
CA PHE A 30 1.68 15.07 8.78
C PHE A 30 1.44 15.31 10.27
N ASN A 31 2.27 16.19 10.86
CA ASN A 31 2.07 16.64 12.24
C ASN A 31 1.99 15.51 13.25
N LYS A 32 2.77 14.45 13.03
CA LYS A 32 2.79 13.32 13.94
C LYS A 32 3.77 13.56 15.08
N SER A 33 3.37 13.19 16.29
CA SER A 33 4.28 13.18 17.42
C SER A 33 5.39 12.20 17.13
N ARG A 34 6.50 12.30 17.85
CA ARG A 34 7.61 11.39 17.64
C ARG A 34 7.15 9.94 17.78
N GLU A 35 6.40 9.63 18.82
CA GLU A 35 5.97 8.25 19.02
C GLU A 35 5.04 7.76 17.91
N ASP A 36 4.11 8.61 17.50
CA ASP A 36 3.15 8.25 16.44
CA ASP A 36 3.16 8.26 16.44
C ASP A 36 3.89 8.07 15.12
N ALA A 37 4.85 8.94 14.85
CA ALA A 37 5.64 8.84 13.63
C ALA A 37 6.43 7.53 13.63
N THR A 38 6.98 7.18 14.79
CA THR A 38 7.73 5.94 14.93
C THR A 38 6.81 4.74 14.70
N ARG A 39 5.61 4.81 15.27
CA ARG A 39 4.62 3.74 15.14
C ARG A 39 4.29 3.49 13.67
N ILE A 40 4.04 4.57 12.93
CA ILE A 40 3.68 4.44 11.53
C ILE A 40 4.87 3.96 10.70
N MET A 41 6.06 4.49 11.01
CA MET A 41 7.25 4.05 10.31
C MET A 41 7.45 2.54 10.46
N LEU A 42 7.22 2.00 11.65
CA LEU A 42 7.38 0.57 11.87
C LEU A 42 6.34 -0.22 11.10
N HIS A 43 5.14 0.35 10.91
CA HIS A 43 4.12 -0.29 10.10
C HIS A 43 4.56 -0.32 8.64
N VAL A 44 5.17 0.77 8.17
CA VAL A 44 5.73 0.81 6.83
C VAL A 44 6.75 -0.32 6.65
N HIS A 45 7.64 -0.46 7.63
CA HIS A 45 8.71 -1.44 7.56
C HIS A 45 8.17 -2.86 7.49
N GLN A 46 7.21 -3.16 8.35
CA GLN A 46 6.75 -4.54 8.52
C GLN A 46 5.63 -4.95 7.57
N ASN A 47 4.77 -4.00 7.23
CA ASN A 47 3.60 -4.30 6.42
C ASN A 47 3.72 -3.79 4.99
N GLY A 48 4.70 -2.93 4.75
CA GLY A 48 4.98 -2.43 3.42
C GLY A 48 4.35 -1.10 3.09
N VAL A 49 3.46 -0.63 3.95
CA VAL A 49 2.73 0.60 3.71
C VAL A 49 2.19 1.13 5.04
N GLY A 50 2.11 2.45 5.15
CA GLY A 50 1.58 3.10 6.33
C GLY A 50 0.71 4.28 5.97
N VAL A 51 -0.26 4.57 6.83
CA VAL A 51 -1.19 5.67 6.61
C VAL A 51 -0.70 6.93 7.33
N CYS A 52 -0.58 8.01 6.56
CA CYS A 52 0.01 9.26 7.03
C CYS A 52 -1.05 10.26 7.48
N GLY A 53 -2.20 10.25 6.83
CA GLY A 53 -3.26 11.19 7.14
C GLY A 53 -4.39 11.08 6.13
N VAL A 54 -5.51 11.76 6.42
CA VAL A 54 -6.68 11.75 5.56
C VAL A 54 -7.13 13.19 5.34
N TYR A 55 -7.29 13.57 4.07
CA TYR A 55 -7.53 14.96 3.69
C TYR A 55 -8.48 15.04 2.50
N THR A 56 -8.96 16.25 2.21
CA THR A 56 -9.65 16.47 0.94
C THR A 56 -8.66 16.19 -0.18
N TYR A 57 -9.18 15.92 -1.38
CA TYR A 57 -8.36 15.50 -2.50
C TYR A 57 -7.19 16.44 -2.77
N GLU A 58 -7.47 17.72 -2.86
CA GLU A 58 -6.45 18.70 -3.21
C GLU A 58 -5.35 18.80 -2.16
N VAL A 59 -5.73 18.69 -0.89
CA VAL A 59 -4.76 18.75 0.19
C VAL A 59 -3.92 17.46 0.20
N ALA A 60 -4.55 16.33 -0.05
CA ALA A 60 -3.82 15.07 -0.15
C ALA A 60 -2.78 15.16 -1.27
N GLU A 61 -3.16 15.72 -2.40
CA GLU A 61 -2.23 15.93 -3.51
C GLU A 61 -1.05 16.77 -3.07
N THR A 62 -1.33 17.79 -2.26
CA THR A 62 -0.31 18.71 -1.80
C THR A 62 0.67 17.98 -0.88
N LYS A 63 0.14 17.17 0.03
CA LYS A 63 0.97 16.40 0.95
C LYS A 63 1.87 15.41 0.21
N VAL A 64 1.27 14.68 -0.73
CA VAL A 64 2.03 13.72 -1.52
C VAL A 64 3.19 14.43 -2.22
N ALA A 65 2.88 15.57 -2.84
CA ALA A 65 3.88 16.33 -3.57
C ALA A 65 4.99 16.82 -2.66
N GLN A 66 4.62 17.32 -1.49
CA GLN A 66 5.61 17.82 -0.55
C GLN A 66 6.52 16.70 -0.08
N VAL A 67 5.99 15.50 0.10
CA VAL A 67 6.80 14.38 0.54
C VAL A 67 7.78 13.94 -0.55
N ILE A 68 7.30 13.85 -1.79
CA ILE A 68 8.14 13.45 -2.91
CA ILE A 68 8.15 13.44 -2.90
C ILE A 68 9.27 14.46 -3.11
N ASP A 69 8.91 15.74 -3.08
CA ASP A 69 9.88 16.81 -3.22
C ASP A 69 10.97 16.69 -2.15
N SER A 70 10.55 16.55 -0.90
CA SER A 70 11.50 16.43 0.20
C SER A 70 12.38 15.20 0.03
N ALA A 71 11.74 14.07 -0.28
CA ALA A 71 12.46 12.81 -0.40
C ALA A 71 13.54 12.86 -1.46
N ARG A 72 13.19 13.30 -2.67
CA ARG A 72 14.15 13.30 -3.76
C ARG A 72 15.28 14.29 -3.52
N ARG A 73 14.96 15.44 -2.92
CA ARG A 73 16.01 16.41 -2.63
C ARG A 73 16.96 15.88 -1.55
N HIS A 74 16.46 14.98 -0.72
CA HIS A 74 17.30 14.29 0.27
C HIS A 74 17.85 12.97 -0.26
N GLN A 75 17.75 12.76 -1.56
CA GLN A 75 18.36 11.59 -2.20
CA GLN A 75 18.30 11.59 -2.25
C GLN A 75 17.74 10.26 -1.74
N HIS A 76 16.44 10.26 -1.48
CA HIS A 76 15.74 9.02 -1.09
C HIS A 76 14.64 8.73 -2.11
N PRO A 77 14.46 7.45 -2.45
CA PRO A 77 13.45 7.06 -3.44
C PRO A 77 12.05 6.83 -2.84
N LEU A 78 11.85 7.26 -1.61
CA LEU A 78 10.57 7.07 -0.90
C LEU A 78 9.36 7.33 -1.78
N GLN A 79 8.44 6.38 -1.85
CA GLN A 79 7.22 6.53 -2.61
C GLN A 79 6.06 6.94 -1.71
N CYS A 80 5.33 7.95 -2.14
CA CYS A 80 4.18 8.46 -1.42
C CYS A 80 3.05 8.57 -2.43
N THR A 81 1.88 8.09 -2.06
CA THR A 81 0.75 8.06 -2.99
C THR A 81 -0.54 8.27 -2.19
N MET A 82 -1.68 8.29 -2.88
CA MET A 82 -2.95 8.48 -2.19
C MET A 82 -4.01 7.53 -2.74
N GLU A 83 -4.99 7.21 -1.89
CA GLU A 83 -6.13 6.38 -2.26
C GLU A 83 -7.38 6.97 -1.65
N LYS A 84 -8.54 6.74 -2.27
CA LYS A 84 -9.81 7.10 -1.64
C LYS A 84 -9.87 6.48 -0.27
N ASP A 85 -10.31 7.24 0.72
CA ASP A 85 -10.33 6.76 2.09
C ASP A 85 -11.58 5.94 2.36
N PRO B 4 -20.41 -1.54 11.89
CA PRO B 4 -19.30 -2.48 11.76
C PRO B 4 -18.21 -1.93 10.83
N SER B 5 -17.01 -1.72 11.37
CA SER B 5 -15.92 -1.13 10.60
C SER B 5 -15.15 -2.16 9.77
N LEU B 6 -15.15 -1.97 8.47
CA LEU B 6 -14.59 -2.94 7.53
C LEU B 6 -13.12 -2.63 7.21
N TYR B 7 -12.47 -3.57 6.54
CA TYR B 7 -11.05 -3.51 6.29
CA TYR B 7 -11.04 -3.53 6.30
C TYR B 7 -10.73 -3.83 4.84
N ARG B 8 -9.89 -2.99 4.24
CA ARG B 8 -9.45 -3.20 2.87
C ARG B 8 -8.19 -4.06 2.85
N VAL B 9 -8.13 -4.95 1.86
CA VAL B 9 -6.97 -5.79 1.64
C VAL B 9 -6.16 -5.18 0.50
N LEU B 10 -4.86 -5.06 0.73
CA LEU B 10 -3.97 -4.41 -0.22
C LEU B 10 -2.89 -5.36 -0.69
N ILE B 11 -2.50 -5.23 -1.95
CA ILE B 11 -1.29 -5.88 -2.43
CA ILE B 11 -1.29 -5.89 -2.44
C ILE B 11 -0.27 -4.82 -2.81
N LEU B 12 1.00 -5.11 -2.53
CA LEU B 12 2.09 -4.20 -2.80
C LEU B 12 2.83 -4.64 -4.04
N ASN B 13 3.37 -3.66 -4.77
CA ASN B 13 4.20 -3.98 -5.91
C ASN B 13 5.56 -4.52 -5.50
N ASP B 14 6.11 -5.37 -6.35
CA ASP B 14 7.51 -5.77 -6.24
C ASP B 14 8.02 -6.08 -7.64
N ASP B 15 9.34 -6.25 -7.78
CA ASP B 15 9.95 -6.41 -9.11
C ASP B 15 10.09 -7.88 -9.52
N TYR B 16 9.54 -8.79 -8.73
CA TYR B 16 9.73 -10.23 -8.94
C TYR B 16 8.46 -10.99 -9.32
N THR B 17 7.34 -10.66 -8.68
CA THR B 17 6.11 -11.41 -8.87
C THR B 17 5.56 -11.16 -10.26
N PRO B 18 5.33 -12.22 -11.04
CA PRO B 18 4.80 -12.03 -12.39
C PRO B 18 3.41 -11.39 -12.40
N ALA B 19 3.18 -10.52 -13.37
CA ALA B 19 1.90 -9.85 -13.55
C ALA B 19 0.76 -10.85 -13.59
N GLU B 20 0.95 -11.96 -14.31
CA GLU B 20 -0.11 -12.93 -14.51
CA GLU B 20 -0.12 -12.93 -14.50
C GLU B 20 -0.47 -13.64 -13.20
N PHE B 21 0.49 -13.75 -12.29
CA PHE B 21 0.18 -14.35 -10.99
C PHE B 21 -0.68 -13.41 -10.16
N VAL B 22 -0.42 -12.11 -10.24
CA VAL B 22 -1.23 -11.13 -9.53
C VAL B 22 -2.67 -11.16 -10.06
N VAL B 23 -2.83 -11.23 -11.38
CA VAL B 23 -4.15 -11.34 -11.96
C VAL B 23 -4.84 -12.62 -11.47
N TYR B 24 -4.09 -13.71 -11.44
CA TYR B 24 -4.59 -15.00 -10.95
C TYR B 24 -5.09 -14.88 -9.50
N VAL B 25 -4.29 -14.26 -8.64
CA VAL B 25 -4.66 -14.07 -7.24
C VAL B 25 -5.94 -13.25 -7.10
N LEU B 26 -6.05 -12.18 -7.88
CA LEU B 26 -7.21 -11.32 -7.80
C LEU B 26 -8.48 -12.04 -8.22
N GLU B 27 -8.35 -12.91 -9.23
CA GLU B 27 -9.49 -13.68 -9.71
C GLU B 27 -9.85 -14.80 -8.74
N ARG B 28 -8.84 -15.43 -8.15
CA ARG B 28 -9.04 -16.60 -7.31
CA ARG B 28 -9.04 -16.60 -7.31
C ARG B 28 -9.54 -16.25 -5.91
N PHE B 29 -8.98 -15.20 -5.31
CA PHE B 29 -9.26 -14.87 -3.92
C PHE B 29 -10.14 -13.64 -3.70
N PHE B 30 -10.34 -12.82 -4.74
CA PHE B 30 -11.07 -11.58 -4.56
C PHE B 30 -12.24 -11.42 -5.54
N ASN B 31 -12.60 -12.54 -6.17
CA ASN B 31 -13.77 -12.59 -7.05
C ASN B 31 -13.76 -11.53 -8.15
N LYS B 32 -12.57 -11.17 -8.62
CA LYS B 32 -12.46 -10.15 -9.65
C LYS B 32 -12.71 -10.70 -11.04
N SER B 33 -13.41 -9.94 -11.86
CA SER B 33 -13.53 -10.23 -13.28
C SER B 33 -12.14 -10.09 -13.91
N ARG B 34 -11.94 -10.66 -15.09
CA ARG B 34 -10.65 -10.56 -15.75
CA ARG B 34 -10.63 -10.56 -15.73
C ARG B 34 -10.24 -9.11 -15.93
N GLU B 35 -11.18 -8.28 -16.38
CA GLU B 35 -10.91 -6.87 -16.62
CA GLU B 35 -10.91 -6.87 -16.62
C GLU B 35 -10.51 -6.15 -15.34
N ASP B 36 -11.28 -6.36 -14.28
CA ASP B 36 -10.99 -5.70 -13.00
C ASP B 36 -9.65 -6.17 -12.43
N ALA B 37 -9.39 -7.47 -12.53
CA ALA B 37 -8.13 -8.03 -12.06
C ALA B 37 -6.95 -7.42 -12.81
N THR B 38 -7.09 -7.27 -14.11
CA THR B 38 -6.03 -6.69 -14.92
C THR B 38 -5.80 -5.22 -14.55
N ARG B 39 -6.88 -4.47 -14.36
CA ARG B 39 -6.74 -3.06 -14.03
C ARG B 39 -6.10 -2.86 -12.66
N ILE B 40 -6.49 -3.67 -11.69
CA ILE B 40 -5.91 -3.56 -10.35
C ILE B 40 -4.44 -3.95 -10.38
N MET B 41 -4.11 -5.02 -11.10
CA MET B 41 -2.71 -5.42 -11.25
C MET B 41 -1.88 -4.27 -11.82
N LEU B 42 -2.42 -3.61 -12.85
CA LEU B 42 -1.71 -2.51 -13.48
C LEU B 42 -1.60 -1.32 -12.55
N HIS B 43 -2.62 -1.11 -11.72
CA HIS B 43 -2.60 -0.04 -10.73
C HIS B 43 -1.52 -0.29 -9.70
N VAL B 44 -1.36 -1.54 -9.28
CA VAL B 44 -0.34 -1.88 -8.30
C VAL B 44 1.03 -1.64 -8.91
N HIS B 45 1.19 -2.03 -10.16
CA HIS B 45 2.45 -1.86 -10.87
C HIS B 45 2.81 -0.38 -10.98
N GLN B 46 1.83 0.46 -11.27
CA GLN B 46 2.06 1.88 -11.51
C GLN B 46 2.20 2.69 -10.23
N ASN B 47 1.39 2.37 -9.24
CA ASN B 47 1.27 3.20 -8.04
C ASN B 47 1.90 2.57 -6.80
N GLY B 48 2.27 1.31 -6.90
CA GLY B 48 2.98 0.63 -5.82
C GLY B 48 2.11 -0.16 -4.86
N VAL B 49 0.80 0.05 -4.95
CA VAL B 49 -0.14 -0.56 -4.02
C VAL B 49 -1.53 -0.51 -4.67
N GLY B 50 -2.37 -1.48 -4.34
CA GLY B 50 -3.72 -1.54 -4.89
C GLY B 50 -4.69 -2.21 -3.95
N VAL B 51 -5.96 -1.86 -4.08
CA VAL B 51 -7.02 -2.40 -3.23
C VAL B 51 -7.67 -3.62 -3.88
N CYS B 52 -7.74 -4.72 -3.13
CA CYS B 52 -8.21 -6.00 -3.63
C CYS B 52 -9.66 -6.29 -3.25
N GLY B 53 -10.10 -5.72 -2.14
CA GLY B 53 -11.44 -5.97 -1.63
C GLY B 53 -11.61 -5.41 -0.24
N VAL B 54 -12.85 -5.45 0.25
CA VAL B 54 -13.19 -4.92 1.56
C VAL B 54 -14.06 -5.93 2.27
N TYR B 55 -13.69 -6.26 3.50
CA TYR B 55 -14.33 -7.35 4.26
C TYR B 55 -14.35 -7.01 5.74
N THR B 56 -15.05 -7.82 6.53
CA THR B 56 -14.95 -7.71 7.98
C THR B 56 -13.51 -8.05 8.38
N TYR B 57 -13.10 -7.60 9.56
CA TYR B 57 -11.71 -7.75 10.01
C TYR B 57 -11.18 -9.16 9.83
N GLU B 58 -11.92 -10.14 10.33
CA GLU B 58 -11.44 -11.51 10.36
C GLU B 58 -11.38 -12.12 8.96
N VAL B 59 -12.29 -11.70 8.09
CA VAL B 59 -12.28 -12.18 6.71
C VAL B 59 -11.13 -11.53 5.94
N ALA B 60 -10.87 -10.25 6.19
CA ALA B 60 -9.72 -9.59 5.59
C ALA B 60 -8.43 -10.31 6.01
N GLU B 61 -8.33 -10.66 7.29
CA GLU B 61 -7.18 -11.40 7.78
C GLU B 61 -7.02 -12.72 7.04
N THR B 62 -8.15 -13.35 6.74
CA THR B 62 -8.16 -14.64 6.06
C THR B 62 -7.65 -14.48 4.64
N LYS B 63 -8.14 -13.45 3.94
CA LYS B 63 -7.74 -13.21 2.56
C LYS B 63 -6.24 -12.91 2.48
N VAL B 64 -5.76 -12.08 3.40
CA VAL B 64 -4.35 -11.73 3.43
C VAL B 64 -3.52 -13.01 3.58
N ALA B 65 -3.90 -13.85 4.55
CA ALA B 65 -3.21 -15.09 4.80
C ALA B 65 -3.24 -16.01 3.57
N GLN B 66 -4.39 -16.12 2.92
CA GLN B 66 -4.51 -16.99 1.77
C GLN B 66 -3.63 -16.51 0.61
N VAL B 67 -3.51 -15.20 0.45
CA VAL B 67 -2.66 -14.66 -0.61
C VAL B 67 -1.18 -14.94 -0.32
N ILE B 68 -0.75 -14.74 0.92
CA ILE B 68 0.64 -14.97 1.27
CA ILE B 68 0.64 -14.97 1.28
C ILE B 68 0.99 -16.44 1.11
N ASP B 69 0.12 -17.31 1.60
CA ASP B 69 0.29 -18.74 1.47
C ASP B 69 0.44 -19.13 -0.01
N SER B 70 -0.50 -18.67 -0.84
CA SER B 70 -0.45 -18.97 -2.26
C SER B 70 0.84 -18.44 -2.90
N ALA B 71 1.16 -17.20 -2.60
CA ALA B 71 2.31 -16.54 -3.21
C ALA B 71 3.60 -17.31 -2.91
N ARG B 72 3.82 -17.63 -1.64
CA ARG B 72 5.06 -18.30 -1.28
C ARG B 72 5.13 -19.71 -1.88
N ARG B 73 4.01 -20.41 -1.92
CA ARG B 73 4.00 -21.75 -2.51
C ARG B 73 4.17 -21.68 -4.03
N HIS B 74 3.93 -20.51 -4.60
CA HIS B 74 4.21 -20.26 -6.01
C HIS B 74 5.58 -19.60 -6.20
N GLN B 75 6.37 -19.53 -5.13
CA GLN B 75 7.74 -19.03 -5.20
C GLN B 75 7.81 -17.54 -5.54
N HIS B 76 6.84 -16.77 -5.05
CA HIS B 76 6.82 -15.33 -5.27
C HIS B 76 6.78 -14.59 -3.94
N PRO B 77 7.46 -13.42 -3.86
CA PRO B 77 7.55 -12.64 -2.62
C PRO B 77 6.41 -11.65 -2.42
N LEU B 78 5.36 -11.77 -3.23
CA LEU B 78 4.21 -10.86 -3.17
C LEU B 78 3.80 -10.52 -1.73
N GLN B 79 3.72 -9.22 -1.45
CA GLN B 79 3.32 -8.71 -0.13
C GLN B 79 1.84 -8.33 -0.12
N CYS B 80 1.15 -8.77 0.91
CA CYS B 80 -0.28 -8.51 1.07
C CYS B 80 -0.53 -8.11 2.52
N THR B 81 -1.37 -7.10 2.71
CA THR B 81 -1.65 -6.58 4.04
C THR B 81 -3.06 -6.00 4.07
N MET B 82 -3.46 -5.40 5.18
CA MET B 82 -4.80 -4.83 5.30
C MET B 82 -4.76 -3.54 6.11
N GLU B 83 -5.76 -2.69 5.88
CA GLU B 83 -5.93 -1.46 6.63
C GLU B 83 -7.42 -1.27 6.90
N LYS B 84 -7.75 -0.53 7.95
CA LYS B 84 -9.16 -0.16 8.13
C LYS B 84 -9.61 0.57 6.89
N ASP B 85 -10.82 0.27 6.44
CA ASP B 85 -11.34 0.89 5.22
C ASP B 85 -11.86 2.27 5.50
N NLE C 1 5.63 -5.22 -10.97
CA NLE C 1 5.51 -6.67 -11.26
C NLE C 1 6.34 -6.99 -12.50
O NLE C 1 6.76 -6.10 -13.23
CB NLE C 1 4.04 -7.05 -11.46
CG NLE C 1 3.11 -6.68 -10.29
CD NLE C 1 3.61 -7.20 -8.95
CE NLE C 1 2.65 -6.87 -7.83
H1 NLE C 1 6.54 -5.02 -10.72
H2 NLE C 1 5.38 -4.72 -11.74
H3 NLE C 1 5.05 -5.00 -10.23
HA NLE C 1 5.87 -7.19 -10.51
HB2 NLE C 1 3.70 -6.60 -12.25
HB3 NLE C 1 3.98 -8.01 -11.59
HG2 NLE C 1 3.04 -5.71 -10.24
HG3 NLE C 1 2.23 -7.06 -10.45
HD2 NLE C 1 3.70 -8.17 -9.00
HD3 NLE C 1 4.46 -6.79 -8.76
HE1 NLE C 1 1.79 -7.28 -8.01
HE2 NLE C 1 3.00 -7.22 -6.99
HE3 NLE C 1 2.54 -5.91 -7.76
N LEU C 2 6.59 -8.28 -12.72
CA LEU C 2 7.47 -8.73 -13.78
C LEU C 2 6.70 -9.26 -14.98
MG MG D . -13.61 4.69 4.45
#